data_7AT9
#
_entry.id   7AT9
#
_cell.length_a   46.482
_cell.length_b   47.661
_cell.length_c   50.733
_cell.angle_alpha   66.614
_cell.angle_beta   89.437
_cell.angle_gamma   88.659
#
_symmetry.space_group_name_H-M   'P 1'
#
loop_
_entity.id
_entity.type
_entity.pdbx_description
1 polymer "Casein kinase II subunit alpha'"
2 non-polymer 2-(3,4-dichlorophenyl)ethanamine
3 non-polymer 'CHLORIDE ION'
4 non-polymer 1,2-ETHANEDIOL
5 non-polymer 3-(4,5,6,7-tetrabromo-1H-benzotriazol-1-yl)propan-1-ol
6 non-polymer 'SODIUM ION'
7 water water
#
_entity_poly.entity_id   1
_entity_poly.type   'polypeptide(L)'
_entity_poly.pdbx_seq_one_letter_code
;MGSSHHHHHHSQDPMPGPAAGSRARVYAEVNSLRSREYWDYEAHVPSWGNQDDYQLVRKLGRGKYSEVFEAINITNNERV
VVKILKPVKKKKIKREVKILENLRGGTNIIKLIDTVKDPVSKTPALVFEYINNTDFKQLYQILTDFDIRFYMYELLKALD
YCHSKGIMHRDVKPHNVMIDHQQKKLRLIDWGLAEFYHPAQEYNVRVASRYFKGPELLVDYQMYDYSLDMWSLGCMLASM
IFRREPFFHGQDNYDQLVRIAKVLGTEELYGYLKKYHIDLDPHFNDILGQHSRKRWENFIHSENRHLVSPEALDLLDKLL
RYDHQQRLTAKEAMEHPYFYPVVKEQSQPSADNAVLSSGLTAAR
;
_entity_poly.pdbx_strand_id   A
#
loop_
_chem_comp.id
_chem_comp.type
_chem_comp.name
_chem_comp.formula
42J non-polymer 2-(3,4-dichlorophenyl)ethanamine 'C8 H9 Cl2 N'
4B0 non-polymer 3-(4,5,6,7-tetrabromo-1H-benzotriazol-1-yl)propan-1-ol 'C9 H7 Br4 N3 O'
CL non-polymer 'CHLORIDE ION' 'Cl -1'
EDO non-polymer 1,2-ETHANEDIOL 'C2 H6 O2'
NA non-polymer 'SODIUM ION' 'Na 1'
#
# COMPACT_ATOMS: atom_id res chain seq x y z
N ALA A 20 -19.89 -9.38 -11.47
CA ALA A 20 -20.90 -9.62 -10.44
C ALA A 20 -20.41 -10.64 -9.40
N GLY A 21 -19.09 -10.76 -9.29
CA GLY A 21 -18.49 -11.63 -8.30
C GLY A 21 -18.34 -10.88 -6.98
N SER A 22 -17.76 -9.70 -7.08
CA SER A 22 -17.43 -8.93 -5.90
C SER A 22 -17.33 -7.47 -6.31
N ARG A 23 -17.68 -6.56 -5.40
N ARG A 23 -17.67 -6.57 -5.36
CA ARG A 23 -17.29 -5.16 -5.60
CA ARG A 23 -17.59 -5.12 -5.49
C ARG A 23 -16.99 -4.51 -4.27
C ARG A 23 -17.01 -4.51 -4.21
N ALA A 24 -16.30 -3.39 -4.36
CA ALA A 24 -15.91 -2.60 -3.19
C ALA A 24 -17.15 -2.15 -2.43
N ARG A 25 -17.04 -2.10 -1.09
CA ARG A 25 -18.13 -1.56 -0.25
C ARG A 25 -18.17 -0.07 -0.24
N VAL A 26 -17.09 0.58 -0.64
CA VAL A 26 -16.96 2.02 -0.66
C VAL A 26 -16.33 2.44 -1.96
N TYR A 27 -16.71 3.62 -2.43
N TYR A 27 -16.72 3.63 -2.43
CA TYR A 27 -16.05 4.24 -3.58
CA TYR A 27 -16.12 4.26 -3.60
C TYR A 27 -16.18 3.37 -4.83
C TYR A 27 -16.20 3.37 -4.83
N ALA A 28 -17.25 2.57 -4.92
CA ALA A 28 -17.30 1.60 -6.01
C ALA A 28 -17.49 2.27 -7.34
N GLU A 29 -18.36 3.27 -7.42
CA GLU A 29 -18.72 3.90 -8.68
C GLU A 29 -18.04 5.24 -8.89
N VAL A 30 -17.11 5.63 -8.01
N VAL A 30 -17.06 5.59 -8.07
CA VAL A 30 -16.57 6.99 -8.07
CA VAL A 30 -16.60 6.97 -8.06
C VAL A 30 -16.05 7.31 -9.46
C VAL A 30 -15.91 7.35 -9.36
N ASN A 31 -15.21 6.43 -10.03
CA ASN A 31 -14.63 6.77 -11.33
C ASN A 31 -15.69 6.91 -12.41
N SER A 32 -16.72 6.08 -12.39
N SER A 32 -16.71 6.06 -12.39
CA SER A 32 -17.78 6.20 -13.38
CA SER A 32 -17.79 6.17 -13.35
C SER A 32 -18.57 7.47 -13.22
C SER A 32 -18.48 7.52 -13.26
N LEU A 33 -18.52 8.10 -12.05
CA LEU A 33 -19.18 9.37 -11.83
C LEU A 33 -18.34 10.56 -12.25
N ARG A 34 -17.05 10.36 -12.55
CA ARG A 34 -16.15 11.41 -12.96
C ARG A 34 -16.06 11.46 -14.49
N SER A 35 -15.51 12.56 -15.00
CA SER A 35 -15.19 12.64 -16.41
C SER A 35 -14.29 11.47 -16.82
N ARG A 36 -14.49 10.98 -18.04
CA ARG A 36 -13.64 9.91 -18.53
C ARG A 36 -12.17 10.29 -18.49
N GLU A 37 -11.86 11.55 -18.77
CA GLU A 37 -10.45 11.96 -18.77
C GLU A 37 -9.78 11.69 -17.43
N TYR A 38 -10.55 11.66 -16.33
CA TYR A 38 -9.95 11.41 -15.02
C TYR A 38 -9.24 10.05 -14.97
N TRP A 39 -9.87 9.01 -15.51
CA TRP A 39 -9.38 7.64 -15.37
C TRP A 39 -8.81 7.07 -16.66
N ASP A 40 -9.02 7.72 -17.80
CA ASP A 40 -8.54 7.21 -19.09
C ASP A 40 -7.11 7.68 -19.29
N TYR A 41 -6.21 7.05 -18.52
CA TYR A 41 -4.82 7.48 -18.49
CA TYR A 41 -4.83 7.50 -18.49
C TYR A 41 -4.11 7.31 -19.83
N GLU A 42 -4.53 6.36 -20.66
CA GLU A 42 -3.89 6.19 -21.97
C GLU A 42 -4.04 7.44 -22.82
N ALA A 43 -5.09 8.21 -22.58
CA ALA A 43 -5.35 9.42 -23.32
C ALA A 43 -4.68 10.63 -22.69
N HIS A 44 -4.03 10.46 -21.55
CA HIS A 44 -3.39 11.57 -20.89
C HIS A 44 -2.12 12.00 -21.61
N VAL A 45 -1.96 13.31 -21.75
CA VAL A 45 -0.79 13.92 -22.40
C VAL A 45 -0.07 14.76 -21.35
N PRO A 46 0.95 14.22 -20.71
CA PRO A 46 1.69 15.01 -19.72
C PRO A 46 2.35 16.21 -20.36
N SER A 47 2.59 17.20 -19.53
CA SER A 47 3.41 18.36 -19.90
C SER A 47 4.83 18.12 -19.37
N TRP A 48 5.78 17.88 -20.26
CA TRP A 48 7.12 17.47 -19.87
C TRP A 48 8.03 18.69 -19.83
N GLY A 49 8.45 19.07 -18.61
CA GLY A 49 9.40 20.15 -18.39
C GLY A 49 10.84 19.69 -18.57
N ASN A 50 11.77 20.56 -18.19
CA ASN A 50 13.17 20.41 -18.55
C ASN A 50 13.98 19.84 -17.38
N GLN A 51 14.49 18.63 -17.56
CA GLN A 51 15.29 18.01 -16.50
C GLN A 51 16.59 18.73 -16.23
N ASP A 52 17.05 19.59 -17.14
CA ASP A 52 18.33 20.27 -16.94
C ASP A 52 18.32 21.23 -15.75
N ASP A 53 17.15 21.52 -15.16
CA ASP A 53 17.11 22.33 -13.95
C ASP A 53 17.55 21.57 -12.71
N TYR A 54 17.81 20.27 -12.80
CA TYR A 54 18.07 19.44 -11.63
C TYR A 54 19.48 18.90 -11.67
N GLN A 55 20.17 18.96 -10.55
CA GLN A 55 21.49 18.37 -10.35
C GLN A 55 21.36 17.15 -9.45
N LEU A 56 21.72 15.97 -9.98
CA LEU A 56 21.70 14.74 -9.18
C LEU A 56 22.84 14.78 -8.16
N VAL A 57 22.54 14.39 -6.92
N VAL A 57 22.50 14.46 -6.91
CA VAL A 57 23.56 14.43 -5.86
CA VAL A 57 23.43 14.45 -5.78
C VAL A 57 23.86 13.07 -5.22
C VAL A 57 23.87 13.03 -5.44
N ARG A 58 22.92 12.13 -5.24
CA ARG A 58 23.23 10.79 -4.77
C ARG A 58 22.12 9.82 -5.19
N LYS A 59 22.51 8.59 -5.47
CA LYS A 59 21.56 7.54 -5.77
C LYS A 59 20.92 7.05 -4.47
N LEU A 60 19.60 6.91 -4.47
CA LEU A 60 18.85 6.44 -3.31
C LEU A 60 18.33 5.03 -3.48
N GLY A 61 18.17 4.55 -4.71
CA GLY A 61 17.63 3.22 -4.91
C GLY A 61 17.38 2.94 -6.38
N ARG A 62 17.00 1.70 -6.66
CA ARG A 62 16.77 1.25 -8.03
C ARG A 62 15.77 0.11 -8.00
N GLY A 63 14.95 0.06 -9.06
CA GLY A 63 13.97 -1.00 -9.22
C GLY A 63 13.98 -1.45 -10.66
N LYS A 64 13.08 -2.39 -10.95
CA LYS A 64 12.93 -2.90 -12.30
C LYS A 64 12.63 -1.80 -13.30
N TYR A 65 11.91 -0.75 -12.88
CA TYR A 65 11.37 0.23 -13.81
C TYR A 65 11.95 1.62 -13.64
N SER A 66 12.87 1.82 -12.70
CA SER A 66 13.23 3.18 -12.37
C SER A 66 14.48 3.17 -11.52
N GLU A 67 15.08 4.35 -11.42
CA GLU A 67 16.09 4.62 -10.42
C GLU A 67 15.80 5.96 -9.80
N VAL A 68 16.19 6.08 -8.55
N VAL A 68 16.05 6.07 -8.50
CA VAL A 68 15.80 7.21 -7.71
CA VAL A 68 15.72 7.27 -7.73
C VAL A 68 17.05 7.90 -7.18
C VAL A 68 17.00 7.90 -7.20
N PHE A 69 17.06 9.23 -7.29
CA PHE A 69 18.19 10.04 -6.86
C PHE A 69 17.69 11.18 -5.98
N GLU A 70 18.50 11.56 -5.00
CA GLU A 70 18.34 12.86 -4.38
C GLU A 70 18.95 13.90 -5.33
N ALA A 71 18.32 15.08 -5.43
CA ALA A 71 18.76 16.10 -6.37
C ALA A 71 18.47 17.49 -5.81
N ILE A 72 19.07 18.48 -6.45
N ILE A 72 19.07 18.50 -6.42
CA ILE A 72 18.87 19.89 -6.18
CA ILE A 72 18.79 19.90 -6.10
C ILE A 72 18.29 20.54 -7.43
C ILE A 72 18.36 20.62 -7.37
N ASN A 73 17.25 21.36 -7.29
CA ASN A 73 16.82 22.25 -8.36
C ASN A 73 17.75 23.47 -8.34
N ILE A 74 18.58 23.62 -9.36
CA ILE A 74 19.61 24.65 -9.33
C ILE A 74 19.04 26.05 -9.52
N THR A 75 17.79 26.17 -9.96
CA THR A 75 17.19 27.48 -10.11
C THR A 75 16.67 28.06 -8.79
N ASN A 76 16.39 27.23 -7.78
CA ASN A 76 15.82 27.74 -6.54
C ASN A 76 16.40 27.06 -5.29
N ASN A 77 17.41 26.20 -5.45
CA ASN A 77 18.07 25.49 -4.35
C ASN A 77 17.19 24.47 -3.64
N GLU A 78 16.05 24.10 -4.20
CA GLU A 78 15.19 23.13 -3.53
C GLU A 78 15.76 21.72 -3.64
N ARG A 79 15.76 20.99 -2.53
CA ARG A 79 16.12 19.58 -2.52
C ARG A 79 14.90 18.76 -2.86
N VAL A 80 15.07 17.81 -3.77
CA VAL A 80 14.00 17.02 -4.33
C VAL A 80 14.47 15.57 -4.49
N VAL A 81 13.56 14.71 -4.91
CA VAL A 81 13.88 13.34 -5.32
C VAL A 81 13.47 13.21 -6.79
N VAL A 82 14.36 12.65 -7.62
CA VAL A 82 14.12 12.45 -9.05
C VAL A 82 14.07 10.96 -9.30
N LYS A 83 12.96 10.50 -9.89
CA LYS A 83 12.77 9.10 -10.29
C LYS A 83 12.86 9.03 -11.81
N ILE A 84 13.94 8.47 -12.33
CA ILE A 84 14.18 8.37 -13.76
C ILE A 84 13.56 7.06 -14.21
N LEU A 85 12.71 7.15 -15.22
CA LEU A 85 11.88 6.02 -15.63
C LEU A 85 12.51 5.35 -16.84
N LYS A 86 12.64 4.05 -16.78
CA LYS A 86 13.07 3.35 -17.97
C LYS A 86 11.96 3.56 -19.01
N PRO A 87 12.23 4.27 -20.13
CA PRO A 87 11.15 4.90 -20.92
C PRO A 87 10.29 3.98 -21.77
N VAL A 88 10.53 2.67 -21.75
CA VAL A 88 9.94 1.78 -22.74
C VAL A 88 8.41 1.78 -22.67
N LYS A 89 7.84 1.53 -21.48
CA LYS A 89 6.42 1.20 -21.39
C LYS A 89 5.60 2.46 -21.11
N LYS A 90 5.20 3.09 -22.22
CA LYS A 90 4.61 4.41 -22.17
C LYS A 90 3.26 4.40 -21.47
N LYS A 91 2.50 3.33 -21.60
CA LYS A 91 1.19 3.28 -20.94
C LYS A 91 1.33 3.30 -19.43
N LYS A 92 2.33 2.59 -18.90
CA LYS A 92 2.55 2.54 -17.46
C LYS A 92 3.05 3.88 -16.94
N ILE A 93 3.83 4.61 -17.75
CA ILE A 93 4.26 5.95 -17.37
C ILE A 93 3.05 6.87 -17.29
N LYS A 94 2.19 6.85 -18.32
CA LYS A 94 0.99 7.68 -18.30
C LYS A 94 0.13 7.36 -17.09
N ARG A 95 0.00 6.07 -16.75
CA ARG A 95 -0.81 5.67 -15.61
C ARG A 95 -0.30 6.30 -14.33
N GLU A 96 1.01 6.16 -14.06
CA GLU A 96 1.56 6.69 -12.83
C GLU A 96 1.46 8.21 -12.78
N VAL A 97 1.76 8.87 -13.90
CA VAL A 97 1.64 10.32 -13.95
C VAL A 97 0.21 10.77 -13.69
N LYS A 98 -0.76 10.16 -14.38
CA LYS A 98 -2.15 10.61 -14.20
C LYS A 98 -2.61 10.37 -12.77
N ILE A 99 -2.29 9.20 -12.21
CA ILE A 99 -2.63 8.92 -10.82
C ILE A 99 -2.05 9.97 -9.88
N LEU A 100 -0.76 10.29 -10.04
CA LEU A 100 -0.14 11.28 -9.17
C LEU A 100 -0.79 12.64 -9.31
N GLU A 101 -1.13 13.03 -10.54
CA GLU A 101 -1.83 14.30 -10.75
C GLU A 101 -3.21 14.28 -10.10
N ASN A 102 -3.93 13.17 -10.22
CA ASN A 102 -5.25 13.09 -9.58
C ASN A 102 -5.16 13.16 -8.08
N LEU A 103 -4.07 12.69 -7.50
CA LEU A 103 -3.87 12.66 -6.06
C LEU A 103 -3.24 13.93 -5.52
N ARG A 104 -3.03 14.94 -6.37
CA ARG A 104 -2.37 16.18 -5.97
C ARG A 104 -3.03 16.77 -4.74
N GLY A 105 -2.20 17.14 -3.78
CA GLY A 105 -2.72 17.68 -2.55
C GLY A 105 -3.31 16.66 -1.57
N GLY A 106 -3.33 15.36 -1.89
CA GLY A 106 -3.86 14.39 -0.98
C GLY A 106 -3.00 14.25 0.25
N THR A 107 -3.67 13.98 1.36
CA THR A 107 -3.02 13.94 2.66
C THR A 107 -2.02 12.79 2.71
N ASN A 108 -0.75 13.13 2.94
CA ASN A 108 0.28 12.13 3.14
C ASN A 108 0.60 11.33 1.90
N ILE A 109 0.20 11.80 0.72
CA ILE A 109 0.65 11.21 -0.54
C ILE A 109 1.87 11.99 -1.01
N ILE A 110 2.92 11.29 -1.47
CA ILE A 110 4.09 12.01 -1.94
C ILE A 110 3.70 13.01 -3.01
N LYS A 111 4.22 14.23 -2.89
CA LYS A 111 3.87 15.32 -3.79
C LYS A 111 4.73 15.25 -5.06
N LEU A 112 4.09 15.08 -6.21
CA LEU A 112 4.73 15.22 -7.51
C LEU A 112 4.87 16.71 -7.80
N ILE A 113 6.11 17.18 -7.86
CA ILE A 113 6.43 18.58 -8.16
C ILE A 113 6.43 18.82 -9.66
N ASP A 114 6.98 17.89 -10.45
CA ASP A 114 7.00 18.11 -11.88
C ASP A 114 7.26 16.80 -12.60
N THR A 115 6.91 16.82 -13.87
CA THR A 115 7.19 15.77 -14.83
C THR A 115 8.15 16.36 -15.85
N VAL A 116 9.35 15.77 -15.99
CA VAL A 116 10.39 16.36 -16.81
C VAL A 116 10.99 15.31 -17.73
N LYS A 117 11.65 15.80 -18.78
CA LYS A 117 12.40 14.95 -19.66
C LYS A 117 13.78 15.54 -19.88
N ASP A 118 14.76 14.66 -20.08
CA ASP A 118 16.03 15.06 -20.67
C ASP A 118 15.68 15.67 -22.04
N PRO A 119 16.02 16.94 -22.30
CA PRO A 119 15.57 17.56 -23.56
C PRO A 119 16.19 16.95 -24.82
N VAL A 120 17.25 16.15 -24.69
CA VAL A 120 17.86 15.50 -25.84
C VAL A 120 17.39 14.06 -26.01
N SER A 121 17.53 13.23 -24.98
CA SER A 121 17.13 11.83 -25.11
C SER A 121 15.64 11.60 -24.97
N LYS A 122 14.92 12.55 -24.40
CA LYS A 122 13.49 12.45 -24.10
C LYS A 122 13.14 11.39 -23.04
N THR A 123 14.12 10.84 -22.29
CA THR A 123 13.84 9.95 -21.18
C THR A 123 13.07 10.71 -20.11
N PRO A 124 11.94 10.20 -19.65
CA PRO A 124 11.14 10.93 -18.67
C PRO A 124 11.57 10.64 -17.24
N ALA A 125 11.23 11.58 -16.37
CA ALA A 125 11.49 11.46 -14.95
C ALA A 125 10.41 12.19 -14.17
N LEU A 126 10.19 11.74 -12.95
CA LEU A 126 9.26 12.35 -12.01
C LEU A 126 10.04 13.03 -10.90
N VAL A 127 9.65 14.24 -10.55
CA VAL A 127 10.29 15.01 -9.49
C VAL A 127 9.32 15.08 -8.33
N PHE A 128 9.77 14.61 -7.17
CA PHE A 128 8.99 14.55 -5.93
C PHE A 128 9.60 15.45 -4.87
N GLU A 129 8.75 15.90 -3.96
CA GLU A 129 9.23 16.50 -2.74
C GLU A 129 10.21 15.56 -2.04
N TYR A 130 11.20 16.17 -1.40
CA TYR A 130 12.14 15.45 -0.57
C TYR A 130 11.50 15.10 0.76
N ILE A 131 11.82 13.91 1.30
CA ILE A 131 11.51 13.53 2.67
C ILE A 131 12.75 12.88 3.24
N ASN A 132 13.13 13.26 4.46
CA ASN A 132 14.34 12.74 5.09
C ASN A 132 13.97 11.46 5.83
N ASN A 133 14.14 10.30 5.14
CA ASN A 133 13.60 9.02 5.55
C ASN A 133 14.39 8.35 6.67
N THR A 134 13.71 8.09 7.75
CA THR A 134 14.31 7.50 8.94
C THR A 134 14.51 6.00 8.76
N ASP A 135 15.67 5.52 9.18
CA ASP A 135 15.99 4.09 9.22
C ASP A 135 15.58 3.58 10.60
N PHE A 136 14.46 2.87 10.67
CA PHE A 136 13.99 2.43 11.98
C PHE A 136 14.76 1.26 12.56
N LYS A 137 15.71 0.68 11.82
CA LYS A 137 16.61 -0.29 12.41
C LYS A 137 17.67 0.36 13.28
N GLN A 138 17.99 1.63 13.01
CA GLN A 138 19.08 2.35 13.66
C GLN A 138 18.46 3.55 14.38
N LEU A 139 17.93 3.32 15.58
CA LEU A 139 17.17 4.33 16.29
C LEU A 139 17.81 4.66 17.64
N TYR A 140 17.49 5.87 18.11
CA TYR A 140 17.93 6.30 19.44
C TYR A 140 17.01 5.73 20.53
N GLN A 141 15.71 5.62 20.25
CA GLN A 141 14.74 5.26 21.29
C GLN A 141 13.63 4.30 20.85
N ILE A 142 13.50 3.98 19.56
CA ILE A 142 12.54 3.02 19.02
C ILE A 142 11.08 3.33 19.36
N LEU A 143 10.17 2.76 18.57
CA LEU A 143 8.78 3.18 18.53
C LEU A 143 8.01 2.78 19.78
N THR A 144 7.20 3.70 20.27
CA THR A 144 6.26 3.45 21.35
C THR A 144 4.89 3.04 20.79
N ASP A 145 4.01 2.60 21.71
CA ASP A 145 2.62 2.32 21.35
C ASP A 145 1.99 3.51 20.66
N PHE A 146 2.13 4.70 21.25
CA PHE A 146 1.56 5.89 20.63
C PHE A 146 2.17 6.16 19.27
N ASP A 147 3.48 5.98 19.11
CA ASP A 147 4.08 6.21 17.80
C ASP A 147 3.43 5.34 16.73
N ILE A 148 3.22 4.06 17.04
CA ILE A 148 2.62 3.16 16.05
C ILE A 148 1.20 3.61 15.73
N ARG A 149 0.41 3.96 16.75
CA ARG A 149 -0.93 4.45 16.49
C ARG A 149 -0.89 5.69 15.61
N PHE A 150 0.02 6.60 15.91
CA PHE A 150 0.10 7.87 15.19
C PHE A 150 0.43 7.65 13.73
N TYR A 151 1.50 6.89 13.45
CA TYR A 151 1.90 6.70 12.06
C TYR A 151 0.90 5.84 11.28
N MET A 152 0.33 4.83 11.92
CA MET A 152 -0.71 4.05 11.24
C MET A 152 -1.89 4.94 10.87
N TYR A 153 -2.27 5.87 11.75
CA TYR A 153 -3.35 6.80 11.42
C TYR A 153 -2.98 7.67 10.23
N GLU A 154 -1.76 8.20 10.21
CA GLU A 154 -1.30 9.01 9.09
C GLU A 154 -1.29 8.22 7.78
N LEU A 155 -0.86 6.95 7.82
CA LEU A 155 -0.88 6.11 6.63
C LEU A 155 -2.31 5.87 6.15
N LEU A 156 -3.22 5.61 7.11
CA LEU A 156 -4.61 5.43 6.76
C LEU A 156 -5.19 6.66 6.09
N LYS A 157 -4.76 7.86 6.49
CA LYS A 157 -5.26 9.06 5.80
C LYS A 157 -4.92 9.00 4.32
N ALA A 158 -3.71 8.55 3.97
CA ALA A 158 -3.30 8.47 2.59
C ALA A 158 -4.14 7.44 1.83
N LEU A 159 -4.38 6.29 2.45
CA LEU A 159 -5.13 5.24 1.78
C LEU A 159 -6.60 5.64 1.63
N ASP A 160 -7.21 6.18 2.66
CA ASP A 160 -8.57 6.68 2.49
C ASP A 160 -8.63 7.71 1.38
N TYR A 161 -7.64 8.59 1.30
CA TYR A 161 -7.64 9.58 0.24
C TYR A 161 -7.55 8.93 -1.13
N CYS A 162 -6.57 8.04 -1.35
CA CYS A 162 -6.45 7.48 -2.69
C CYS A 162 -7.64 6.61 -3.07
N HIS A 163 -8.17 5.84 -2.11
CA HIS A 163 -9.37 5.06 -2.38
C HIS A 163 -10.53 5.97 -2.75
N SER A 164 -10.70 7.08 -2.02
CA SER A 164 -11.77 8.04 -2.34
C SER A 164 -11.61 8.64 -3.73
N LYS A 165 -10.39 8.68 -4.22
CA LYS A 165 -10.02 9.13 -5.55
C LYS A 165 -10.04 7.99 -6.56
N GLY A 166 -10.61 6.86 -6.20
CA GLY A 166 -10.80 5.78 -7.14
C GLY A 166 -9.58 4.97 -7.46
N ILE A 167 -8.55 5.03 -6.61
CA ILE A 167 -7.25 4.44 -6.90
C ILE A 167 -6.85 3.44 -5.82
N MET A 168 -6.40 2.27 -6.26
CA MET A 168 -5.79 1.26 -5.41
C MET A 168 -4.27 1.42 -5.52
N HIS A 169 -3.55 1.42 -4.40
CA HIS A 169 -2.09 1.57 -4.46
C HIS A 169 -1.42 0.28 -4.95
N ARG A 170 -1.79 -0.85 -4.37
CA ARG A 170 -1.37 -2.19 -4.78
C ARG A 170 0.08 -2.51 -4.47
N ASP A 171 0.77 -1.69 -3.68
CA ASP A 171 2.12 -2.02 -3.26
C ASP A 171 2.42 -1.41 -1.91
N VAL A 172 1.47 -1.53 -0.99
CA VAL A 172 1.67 -1.00 0.37
C VAL A 172 2.64 -1.93 1.09
N LYS A 173 3.71 -1.36 1.65
CA LYS A 173 4.73 -2.10 2.36
C LYS A 173 5.61 -1.08 3.06
N PRO A 174 6.38 -1.48 4.06
CA PRO A 174 7.22 -0.51 4.80
C PRO A 174 8.11 0.34 3.93
N HIS A 175 8.73 -0.25 2.92
CA HIS A 175 9.66 0.52 2.12
C HIS A 175 8.96 1.55 1.25
N ASN A 176 7.66 1.46 1.06
CA ASN A 176 6.90 2.48 0.34
C ASN A 176 6.21 3.47 1.26
N VAL A 177 6.54 3.48 2.55
CA VAL A 177 6.02 4.43 3.50
C VAL A 177 7.22 5.18 4.07
N MET A 178 7.46 6.39 3.59
N MET A 178 7.48 6.38 3.57
CA MET A 178 8.58 7.16 4.09
CA MET A 178 8.60 7.20 4.06
C MET A 178 8.15 7.92 5.31
C MET A 178 8.13 7.90 5.32
N ILE A 179 8.95 7.86 6.36
CA ILE A 179 8.68 8.57 7.60
C ILE A 179 9.92 9.34 8.00
N ASP A 180 9.76 10.65 8.16
CA ASP A 180 10.76 11.49 8.80
C ASP A 180 10.35 11.53 10.27
N HIS A 181 11.01 10.73 11.09
CA HIS A 181 10.63 10.60 12.49
C HIS A 181 11.03 11.81 13.30
N GLN A 182 11.89 12.69 12.77
CA GLN A 182 12.25 13.91 13.47
C GLN A 182 11.16 14.96 13.30
N GLN A 183 10.66 15.15 12.07
CA GLN A 183 9.60 16.11 11.80
C GLN A 183 8.21 15.49 11.85
N LYS A 184 8.09 14.19 12.11
CA LYS A 184 6.80 13.51 12.18
C LYS A 184 5.99 13.67 10.88
N LYS A 185 6.63 13.39 9.75
CA LYS A 185 6.02 13.49 8.43
C LYS A 185 6.02 12.10 7.81
N LEU A 186 4.91 11.72 7.21
CA LEU A 186 4.75 10.42 6.56
C LEU A 186 4.28 10.65 5.13
N ARG A 187 4.85 9.90 4.18
CA ARG A 187 4.40 9.93 2.79
C ARG A 187 4.35 8.53 2.22
N LEU A 188 3.23 8.23 1.57
CA LEU A 188 3.07 7.00 0.78
C LEU A 188 3.62 7.25 -0.62
N ILE A 189 4.63 6.46 -0.99
CA ILE A 189 5.38 6.63 -2.25
C ILE A 189 5.13 5.44 -3.17
N ASP A 190 5.74 5.52 -4.36
CA ASP A 190 5.80 4.51 -5.39
C ASP A 190 4.44 4.04 -5.83
N TRP A 191 3.86 4.88 -6.68
CA TRP A 191 2.55 4.68 -7.28
C TRP A 191 2.65 3.98 -8.64
N GLY A 192 3.78 3.34 -8.92
CA GLY A 192 4.00 2.67 -10.18
C GLY A 192 3.16 1.42 -10.42
N LEU A 193 2.61 0.83 -9.37
CA LEU A 193 1.72 -0.31 -9.50
C LEU A 193 0.25 0.07 -9.30
N ALA A 194 -0.03 1.31 -9.01
CA ALA A 194 -1.38 1.72 -8.68
C ALA A 194 -2.27 1.68 -9.90
N GLU A 195 -3.56 1.43 -9.67
N GLU A 195 -3.57 1.57 -9.66
CA GLU A 195 -4.56 1.36 -10.73
CA GLU A 195 -4.53 1.38 -10.73
C GLU A 195 -5.85 2.03 -10.30
C GLU A 195 -5.89 1.91 -10.30
N PHE A 196 -6.67 2.32 -11.30
CA PHE A 196 -8.04 2.81 -11.08
C PHE A 196 -8.98 1.63 -10.85
N TYR A 197 -9.83 1.75 -9.83
CA TYR A 197 -10.86 0.76 -9.56
C TYR A 197 -12.11 1.01 -10.39
N HIS A 198 -12.58 -0.04 -11.05
CA HIS A 198 -13.82 -0.03 -11.80
C HIS A 198 -14.59 -1.30 -11.42
N PRO A 199 -15.87 -1.20 -11.07
CA PRO A 199 -16.61 -2.39 -10.62
C PRO A 199 -16.59 -3.48 -11.66
N ALA A 200 -16.39 -4.72 -11.21
CA ALA A 200 -16.37 -5.92 -12.02
C ALA A 200 -15.10 -6.06 -12.86
N GLN A 201 -14.16 -5.11 -12.82
CA GLN A 201 -12.96 -5.26 -13.61
C GLN A 201 -12.07 -6.35 -13.01
N GLU A 202 -11.47 -7.14 -13.88
CA GLU A 202 -10.54 -8.17 -13.45
C GLU A 202 -9.13 -7.61 -13.60
N TYR A 203 -8.38 -7.67 -12.52
CA TYR A 203 -7.06 -7.07 -12.44
C TYR A 203 -5.99 -8.17 -12.39
N ASN A 204 -4.77 -7.78 -12.77
CA ASN A 204 -3.61 -8.66 -12.68
C ASN A 204 -3.28 -8.91 -11.21
N VAL A 205 -3.13 -10.18 -10.83
CA VAL A 205 -2.81 -10.50 -9.43
C VAL A 205 -1.33 -10.37 -9.13
N ARG A 206 -0.50 -10.10 -10.14
CA ARG A 206 0.94 -9.95 -9.96
C ARG A 206 1.25 -8.51 -9.55
N VAL A 207 0.82 -8.19 -8.33
CA VAL A 207 1.03 -6.88 -7.73
C VAL A 207 1.42 -7.14 -6.28
N ALA A 208 1.84 -6.07 -5.62
CA ALA A 208 2.32 -6.09 -4.22
C ALA A 208 3.58 -6.94 -4.03
N SER A 209 4.28 -6.66 -2.92
N SER A 209 4.23 -6.75 -2.93
CA SER A 209 5.40 -7.48 -2.44
CA SER A 209 5.42 -7.51 -2.68
C SER A 209 4.87 -8.77 -1.84
C SER A 209 5.03 -8.69 -1.77
N ARG A 210 5.65 -9.85 -2.01
CA ARG A 210 5.24 -11.14 -1.48
C ARG A 210 4.60 -11.06 -0.09
N TYR A 211 5.31 -10.48 0.88
CA TYR A 211 4.86 -10.58 2.27
C TYR A 211 3.57 -9.82 2.52
N PHE A 212 3.21 -8.92 1.61
CA PHE A 212 2.07 -8.01 1.74
C PHE A 212 0.95 -8.35 0.77
N LYS A 213 1.08 -9.44 0.02
CA LYS A 213 0.05 -9.86 -0.93
C LYS A 213 -1.15 -10.39 -0.17
N GLY A 214 -2.34 -9.91 -0.50
CA GLY A 214 -3.55 -10.46 0.09
C GLY A 214 -3.83 -11.86 -0.41
N PRO A 215 -4.60 -12.62 0.38
CA PRO A 215 -4.97 -13.97 -0.05
C PRO A 215 -5.64 -13.99 -1.40
N GLU A 216 -6.42 -12.96 -1.74
CA GLU A 216 -7.05 -12.91 -3.05
C GLU A 216 -6.02 -13.01 -4.17
N LEU A 217 -4.88 -12.34 -4.02
CA LEU A 217 -3.87 -12.42 -5.07
C LEU A 217 -3.28 -13.82 -5.14
N LEU A 218 -3.02 -14.40 -3.97
CA LEU A 218 -2.35 -15.70 -3.86
C LEU A 218 -3.20 -16.84 -4.39
N VAL A 219 -4.53 -16.68 -4.40
CA VAL A 219 -5.44 -17.67 -4.96
C VAL A 219 -5.94 -17.28 -6.34
N ASP A 220 -5.36 -16.24 -6.95
N ASP A 220 -5.31 -16.29 -6.97
CA ASP A 220 -5.61 -15.89 -8.34
CA ASP A 220 -5.63 -15.88 -8.35
C ASP A 220 -7.02 -15.32 -8.55
C ASP A 220 -7.08 -15.44 -8.50
N TYR A 221 -7.55 -14.63 -7.54
CA TYR A 221 -8.86 -14.00 -7.63
C TYR A 221 -8.67 -12.58 -8.15
N GLN A 222 -9.13 -12.33 -9.38
CA GLN A 222 -8.83 -11.09 -10.07
C GLN A 222 -9.78 -9.94 -9.78
N MET A 223 -10.94 -10.22 -9.23
CA MET A 223 -11.97 -9.19 -9.04
C MET A 223 -11.82 -8.50 -7.67
N TYR A 224 -10.60 -8.00 -7.40
CA TYR A 224 -10.26 -7.39 -6.12
C TYR A 224 -10.46 -5.88 -6.17
N ASP A 225 -10.25 -5.23 -5.03
CA ASP A 225 -10.54 -3.80 -4.93
C ASP A 225 -9.60 -3.15 -3.92
N TYR A 226 -9.99 -1.94 -3.46
CA TYR A 226 -9.18 -1.17 -2.49
C TYR A 226 -8.84 -1.99 -1.25
N SER A 227 -9.68 -2.97 -0.90
CA SER A 227 -9.47 -3.78 0.28
C SER A 227 -8.16 -4.57 0.23
N LEU A 228 -7.56 -4.75 -0.96
CA LEU A 228 -6.22 -5.35 -1.04
C LEU A 228 -5.23 -4.54 -0.21
N ASP A 229 -5.32 -3.20 -0.32
CA ASP A 229 -4.40 -2.35 0.42
C ASP A 229 -4.61 -2.45 1.93
N MET A 230 -5.83 -2.77 2.35
CA MET A 230 -6.13 -2.91 3.76
C MET A 230 -5.57 -4.21 4.34
N TRP A 231 -5.46 -5.27 3.53
CA TRP A 231 -4.69 -6.45 3.94
C TRP A 231 -3.23 -6.08 4.16
N SER A 232 -2.62 -5.38 3.20
CA SER A 232 -1.23 -4.98 3.34
C SER A 232 -1.01 -4.14 4.58
N LEU A 233 -1.93 -3.21 4.86
N LEU A 233 -1.91 -3.18 4.80
CA LEU A 233 -1.79 -2.37 6.05
CA LEU A 233 -1.90 -2.35 6.00
C LEU A 233 -1.96 -3.21 7.32
C LEU A 233 -1.91 -3.24 7.24
N GLY A 234 -2.85 -4.20 7.30
CA GLY A 234 -2.93 -5.11 8.43
C GLY A 234 -1.64 -5.89 8.67
N CYS A 235 -0.98 -6.32 7.59
CA CYS A 235 0.30 -6.98 7.75
C CYS A 235 1.32 -6.07 8.41
N MET A 236 1.33 -4.80 8.04
CA MET A 236 2.19 -3.83 8.69
C MET A 236 1.84 -3.64 10.15
N LEU A 237 0.55 -3.52 10.46
CA LEU A 237 0.14 -3.36 11.84
C LEU A 237 0.60 -4.54 12.68
N ALA A 238 0.41 -5.77 12.18
CA ALA A 238 0.83 -6.97 12.92
C ALA A 238 2.33 -6.93 13.16
N SER A 239 3.10 -6.58 12.13
CA SER A 239 4.55 -6.58 12.31
C SER A 239 4.99 -5.54 13.33
N MET A 240 4.33 -4.39 13.35
N MET A 240 4.30 -4.40 13.40
CA MET A 240 4.70 -3.33 14.28
CA MET A 240 4.74 -3.33 14.30
C MET A 240 4.37 -3.72 15.72
C MET A 240 4.32 -3.58 15.74
N ILE A 241 3.13 -4.15 15.98
CA ILE A 241 2.72 -4.39 17.35
C ILE A 241 3.36 -5.67 17.90
N PHE A 242 3.62 -6.68 17.04
CA PHE A 242 4.18 -7.94 17.50
C PHE A 242 5.70 -8.03 17.33
N ARG A 243 6.31 -7.15 16.55
CA ARG A 243 7.75 -7.11 16.29
C ARG A 243 8.22 -8.33 15.52
N ARG A 244 7.39 -8.91 14.68
CA ARG A 244 7.79 -9.95 13.75
C ARG A 244 7.66 -9.37 12.35
N GLU A 245 8.81 -9.07 11.73
CA GLU A 245 8.88 -8.31 10.48
C GLU A 245 9.63 -9.10 9.42
N PRO A 246 9.01 -9.46 8.30
CA PRO A 246 7.57 -9.37 8.03
C PRO A 246 6.78 -10.35 8.88
N PHE A 247 5.48 -10.08 9.00
CA PHE A 247 4.65 -10.91 9.85
C PHE A 247 4.39 -12.29 9.23
N PHE A 248 4.09 -12.34 7.95
CA PHE A 248 3.83 -13.56 7.21
C PHE A 248 4.99 -13.72 6.24
N HIS A 249 5.92 -14.61 6.54
CA HIS A 249 7.20 -14.66 5.83
C HIS A 249 7.26 -15.85 4.88
N GLY A 250 6.56 -15.74 3.77
CA GLY A 250 6.59 -16.82 2.80
C GLY A 250 7.93 -16.91 2.09
N GLN A 251 8.27 -18.14 1.69
CA GLN A 251 9.45 -18.36 0.87
C GLN A 251 9.21 -18.18 -0.62
N ASP A 252 7.96 -18.16 -1.05
CA ASP A 252 7.50 -17.99 -2.43
C ASP A 252 6.02 -17.73 -2.31
N ASN A 253 5.33 -17.52 -3.45
CA ASN A 253 3.92 -17.13 -3.37
C ASN A 253 3.04 -18.26 -2.85
N TYR A 254 3.40 -19.52 -3.11
CA TYR A 254 2.63 -20.63 -2.57
C TYR A 254 2.79 -20.67 -1.07
N ASP A 255 4.04 -20.66 -0.59
CA ASP A 255 4.28 -20.71 0.84
C ASP A 255 3.69 -19.49 1.56
N GLN A 256 3.58 -18.34 0.87
CA GLN A 256 2.97 -17.16 1.48
C GLN A 256 1.57 -17.48 1.96
N LEU A 257 0.78 -18.17 1.13
CA LEU A 257 -0.59 -18.52 1.56
C LEU A 257 -0.57 -19.50 2.73
N VAL A 258 0.38 -20.45 2.73
CA VAL A 258 0.52 -21.39 3.85
C VAL A 258 0.81 -20.63 5.14
N ARG A 259 1.70 -19.61 5.09
CA ARG A 259 2.00 -18.83 6.28
C ARG A 259 0.75 -18.14 6.80
N ILE A 260 -0.08 -17.62 5.89
CA ILE A 260 -1.33 -17.00 6.31
C ILE A 260 -2.27 -18.01 6.93
N ALA A 261 -2.42 -19.17 6.31
CA ALA A 261 -3.34 -20.19 6.79
C ALA A 261 -2.93 -20.75 8.15
N LYS A 262 -1.63 -20.75 8.45
CA LYS A 262 -1.18 -21.18 9.77
C LYS A 262 -1.68 -20.29 10.89
N VAL A 263 -2.06 -19.07 10.55
CA VAL A 263 -2.61 -18.12 11.51
C VAL A 263 -4.14 -18.06 11.42
N LEU A 264 -4.67 -17.81 10.22
N LEU A 264 -4.68 -17.83 10.22
CA LEU A 264 -6.10 -17.60 10.02
CA LEU A 264 -6.11 -17.63 10.09
C LEU A 264 -6.90 -18.90 9.93
C LEU A 264 -6.91 -18.92 9.99
N GLY A 265 -6.25 -20.03 9.70
CA GLY A 265 -6.91 -21.32 9.65
C GLY A 265 -7.23 -21.79 8.24
N THR A 266 -7.16 -23.11 8.05
CA THR A 266 -7.46 -23.69 6.74
C THR A 266 -8.95 -23.83 6.47
N GLU A 267 -9.75 -24.25 7.45
CA GLU A 267 -11.19 -24.33 7.18
C GLU A 267 -11.75 -22.96 6.81
N GLU A 268 -11.22 -21.93 7.44
CA GLU A 268 -11.64 -20.57 7.17
C GLU A 268 -11.22 -20.11 5.76
N LEU A 269 -10.05 -20.52 5.30
CA LEU A 269 -9.66 -20.29 3.92
C LEU A 269 -10.67 -20.92 2.96
N TYR A 270 -11.02 -22.19 3.21
CA TYR A 270 -11.93 -22.86 2.30
C TYR A 270 -13.31 -22.20 2.27
N GLY A 271 -13.76 -21.67 3.41
CA GLY A 271 -15.02 -20.95 3.42
C GLY A 271 -15.01 -19.71 2.55
N TYR A 272 -13.88 -18.98 2.57
CA TYR A 272 -13.71 -17.81 1.71
C TYR A 272 -13.74 -18.22 0.24
N LEU A 273 -12.98 -19.27 -0.12
CA LEU A 273 -12.96 -19.72 -1.50
C LEU A 273 -14.35 -20.11 -1.96
N LYS A 274 -15.10 -20.80 -1.11
N LYS A 274 -15.09 -20.82 -1.10
CA LYS A 274 -16.43 -21.25 -1.53
CA LYS A 274 -16.44 -21.25 -1.46
C LYS A 274 -17.38 -20.07 -1.70
C LYS A 274 -17.35 -20.07 -1.71
N LYS A 275 -17.26 -19.05 -0.85
CA LYS A 275 -18.14 -17.90 -0.96
C LYS A 275 -18.00 -17.23 -2.32
N TYR A 276 -16.78 -17.11 -2.81
CA TYR A 276 -16.50 -16.40 -4.06
C TYR A 276 -16.28 -17.33 -5.24
N HIS A 277 -16.53 -18.62 -5.06
CA HIS A 277 -16.36 -19.61 -6.13
C HIS A 277 -14.96 -19.57 -6.72
N ILE A 278 -13.97 -19.54 -5.85
CA ILE A 278 -12.58 -19.39 -6.27
C ILE A 278 -11.97 -20.76 -6.46
N ASP A 279 -11.43 -21.00 -7.65
CA ASP A 279 -10.65 -22.21 -7.93
C ASP A 279 -9.27 -22.10 -7.29
N LEU A 280 -8.88 -23.15 -6.56
CA LEU A 280 -7.57 -23.20 -5.90
C LEU A 280 -6.62 -24.07 -6.70
N ASP A 281 -5.47 -23.51 -7.07
CA ASP A 281 -4.43 -24.24 -7.76
C ASP A 281 -4.12 -25.52 -6.98
N PRO A 282 -4.19 -26.69 -7.60
CA PRO A 282 -4.09 -27.93 -6.82
C PRO A 282 -2.71 -28.16 -6.22
N HIS A 283 -1.68 -27.40 -6.61
CA HIS A 283 -0.43 -27.52 -5.89
C HIS A 283 -0.60 -27.17 -4.42
N PHE A 284 -1.57 -26.35 -4.09
CA PHE A 284 -1.75 -25.99 -2.68
C PHE A 284 -2.16 -27.19 -1.84
N ASN A 285 -2.79 -28.21 -2.45
CA ASN A 285 -3.30 -29.34 -1.66
C ASN A 285 -2.17 -30.09 -0.96
N ASP A 286 -0.97 -30.04 -1.52
CA ASP A 286 0.15 -30.77 -0.97
C ASP A 286 0.91 -29.99 0.10
N ILE A 287 0.60 -28.72 0.29
CA ILE A 287 1.36 -27.88 1.20
C ILE A 287 0.54 -27.18 2.26
N LEU A 288 -0.78 -27.02 2.12
CA LEU A 288 -1.56 -26.26 3.10
C LEU A 288 -1.66 -26.97 4.45
N GLY A 289 -1.74 -28.30 4.46
CA GLY A 289 -1.98 -29.02 5.70
C GLY A 289 -3.32 -28.65 6.31
N GLN A 290 -3.40 -28.80 7.63
CA GLN A 290 -4.60 -28.48 8.39
C GLN A 290 -4.18 -27.62 9.56
N HIS A 291 -4.80 -26.45 9.69
CA HIS A 291 -4.41 -25.51 10.72
C HIS A 291 -5.63 -24.88 11.34
N SER A 292 -5.72 -24.89 12.67
N SER A 292 -5.66 -24.88 12.67
CA SER A 292 -6.80 -24.19 13.34
CA SER A 292 -6.65 -24.13 13.42
C SER A 292 -6.46 -22.70 13.41
C SER A 292 -6.44 -22.64 13.19
N ARG A 293 -7.52 -21.88 13.37
CA ARG A 293 -7.36 -20.44 13.51
C ARG A 293 -6.76 -20.15 14.87
N LYS A 294 -5.74 -19.30 14.88
CA LYS A 294 -5.02 -18.98 16.11
C LYS A 294 -5.58 -17.72 16.77
N ARG A 295 -5.53 -17.70 18.09
CA ARG A 295 -5.87 -16.47 18.81
C ARG A 295 -4.73 -15.46 18.65
N TRP A 296 -5.09 -14.21 18.39
CA TRP A 296 -4.07 -13.17 18.24
C TRP A 296 -3.23 -13.02 19.48
N GLU A 297 -3.81 -13.28 20.65
CA GLU A 297 -3.05 -13.18 21.89
C GLU A 297 -1.86 -14.14 21.93
N ASN A 298 -1.87 -15.20 21.10
CA ASN A 298 -0.75 -16.15 21.04
C ASN A 298 0.55 -15.50 20.61
N PHE A 299 0.49 -14.34 19.96
CA PHE A 299 1.68 -13.68 19.45
C PHE A 299 2.31 -12.75 20.46
N ILE A 300 1.67 -12.56 21.62
CA ILE A 300 2.18 -11.65 22.65
C ILE A 300 3.24 -12.34 23.49
N HIS A 301 4.33 -11.64 23.75
CA HIS A 301 5.32 -12.11 24.73
C HIS A 301 6.02 -10.89 25.31
N SER A 302 7.03 -11.11 26.14
CA SER A 302 7.58 -10.00 26.90
C SER A 302 8.15 -8.91 26.01
N GLU A 303 8.63 -9.26 24.81
CA GLU A 303 9.31 -8.28 23.97
C GLU A 303 8.32 -7.35 23.23
N ASN A 304 7.02 -7.69 23.16
CA ASN A 304 6.06 -6.87 22.44
C ASN A 304 4.86 -6.47 23.29
N ARG A 305 4.78 -6.88 24.56
CA ARG A 305 3.55 -6.67 25.32
C ARG A 305 3.18 -5.19 25.43
N HIS A 306 4.19 -4.31 25.49
CA HIS A 306 3.94 -2.88 25.64
C HIS A 306 3.32 -2.24 24.41
N LEU A 307 3.32 -2.93 23.28
CA LEU A 307 2.74 -2.40 22.05
C LEU A 307 1.35 -2.96 21.77
N VAL A 308 0.92 -3.97 22.50
CA VAL A 308 -0.32 -4.67 22.24
C VAL A 308 -1.36 -4.26 23.29
N SER A 309 -2.60 -4.14 22.86
CA SER A 309 -3.73 -3.78 23.71
C SER A 309 -4.93 -4.52 23.16
N PRO A 310 -6.03 -4.58 23.92
CA PRO A 310 -7.25 -5.18 23.35
C PRO A 310 -7.70 -4.46 22.09
N GLU A 311 -7.61 -3.12 22.08
N GLU A 311 -7.57 -3.14 22.06
CA GLU A 311 -7.98 -2.34 20.91
CA GLU A 311 -8.02 -2.38 20.91
C GLU A 311 -7.14 -2.72 19.71
C GLU A 311 -7.13 -2.60 19.69
N ALA A 312 -5.83 -2.80 19.89
CA ALA A 312 -4.96 -3.15 18.76
C ALA A 312 -5.37 -4.50 18.18
N LEU A 313 -5.64 -5.48 19.05
CA LEU A 313 -5.99 -6.82 18.55
C LEU A 313 -7.33 -6.83 17.85
N ASP A 314 -8.30 -6.06 18.36
CA ASP A 314 -9.59 -6.00 17.71
C ASP A 314 -9.47 -5.39 16.31
N LEU A 315 -8.72 -4.31 16.20
CA LEU A 315 -8.48 -3.71 14.89
C LEU A 315 -7.80 -4.70 13.96
N LEU A 316 -6.72 -5.33 14.42
CA LEU A 316 -5.98 -6.26 13.58
C LEU A 316 -6.89 -7.36 13.07
N ASP A 317 -7.70 -7.90 13.97
CA ASP A 317 -8.61 -8.99 13.65
C ASP A 317 -9.58 -8.62 12.54
N LYS A 318 -9.91 -7.33 12.42
CA LYS A 318 -10.85 -6.85 11.44
C LYS A 318 -10.18 -6.43 10.13
N LEU A 319 -8.85 -6.42 10.07
CA LEU A 319 -8.06 -6.15 8.87
C LEU A 319 -7.58 -7.45 8.22
N LEU A 320 -6.96 -8.34 9.03
CA LEU A 320 -6.39 -9.58 8.52
C LEU A 320 -7.48 -10.65 8.51
N ARG A 321 -8.40 -10.48 7.55
CA ARG A 321 -9.49 -11.40 7.26
C ARG A 321 -9.32 -11.89 5.84
N TYR A 322 -9.58 -13.18 5.60
CA TYR A 322 -9.57 -13.67 4.21
C TYR A 322 -10.52 -12.87 3.36
N ASP A 323 -11.76 -12.73 3.83
CA ASP A 323 -12.83 -12.13 3.04
C ASP A 323 -12.56 -10.64 2.85
N HIS A 324 -12.10 -10.29 1.66
CA HIS A 324 -11.71 -8.91 1.35
C HIS A 324 -12.87 -7.96 1.59
N GLN A 325 -14.12 -8.40 1.36
N GLN A 325 -14.08 -8.38 1.30
CA GLN A 325 -15.28 -7.54 1.57
CA GLN A 325 -15.22 -7.50 1.38
C GLN A 325 -15.52 -7.23 3.02
C GLN A 325 -15.68 -7.26 2.80
N GLN A 326 -15.13 -8.11 3.93
N GLN A 326 -15.14 -8.01 3.77
CA GLN A 326 -15.40 -7.93 5.34
CA GLN A 326 -15.45 -7.81 5.17
C GLN A 326 -14.26 -7.23 6.07
C GLN A 326 -14.36 -7.07 5.95
N ARG A 327 -13.16 -6.94 5.39
CA ARG A 327 -12.12 -6.14 6.03
C ARG A 327 -12.63 -4.71 6.23
N LEU A 328 -12.13 -4.06 7.28
CA LEU A 328 -12.44 -2.63 7.44
C LEU A 328 -11.94 -1.84 6.22
N THR A 329 -12.69 -0.82 5.85
CA THR A 329 -12.21 0.19 4.94
C THR A 329 -11.17 1.05 5.68
N ALA A 330 -10.44 1.87 4.93
CA ALA A 330 -9.47 2.75 5.56
C ALA A 330 -10.15 3.70 6.53
N LYS A 331 -11.33 4.22 6.15
CA LYS A 331 -12.08 5.10 7.02
C LYS A 331 -12.57 4.38 8.28
N GLU A 332 -13.14 3.18 8.12
CA GLU A 332 -13.57 2.42 9.30
C GLU A 332 -12.40 2.16 10.23
N ALA A 333 -11.25 1.85 9.66
CA ALA A 333 -10.07 1.64 10.49
C ALA A 333 -9.71 2.91 11.25
N MET A 334 -9.72 4.06 10.58
N MET A 334 -9.70 4.06 10.58
CA MET A 334 -9.44 5.34 11.23
CA MET A 334 -9.40 5.30 11.29
C MET A 334 -10.40 5.63 12.37
C MET A 334 -10.37 5.53 12.44
N GLU A 335 -11.64 5.15 12.26
CA GLU A 335 -12.67 5.37 13.27
C GLU A 335 -12.57 4.43 14.46
N HIS A 336 -11.69 3.44 14.40
CA HIS A 336 -11.60 2.43 15.44
C HIS A 336 -11.06 3.03 16.73
N PRO A 337 -11.52 2.55 17.90
CA PRO A 337 -10.98 3.02 19.19
C PRO A 337 -9.47 2.99 19.33
N TYR A 338 -8.75 2.11 18.64
CA TYR A 338 -7.30 2.11 18.71
C TYR A 338 -6.74 3.50 18.46
N PHE A 339 -7.38 4.28 17.57
CA PHE A 339 -6.87 5.60 17.23
C PHE A 339 -7.45 6.73 18.06
N TYR A 340 -8.33 6.46 19.02
CA TYR A 340 -8.86 7.53 19.85
C TYR A 340 -7.76 8.36 20.50
N PRO A 341 -6.69 7.78 21.06
CA PRO A 341 -5.66 8.64 21.67
C PRO A 341 -5.00 9.57 20.66
N VAL A 342 -4.89 9.15 19.40
CA VAL A 342 -4.32 9.98 18.35
C VAL A 342 -5.24 11.14 18.01
N VAL A 343 -6.52 10.84 17.78
CA VAL A 343 -7.50 11.87 17.46
C VAL A 343 -7.59 12.87 18.60
N LYS A 344 -7.57 12.40 19.84
CA LYS A 344 -7.65 13.29 21.00
C LYS A 344 -6.44 14.22 21.04
N GLU A 345 -5.24 13.69 20.80
CA GLU A 345 -4.05 14.52 20.85
C GLU A 345 -4.01 15.53 19.69
N GLN A 346 -4.57 15.14 18.53
CA GLN A 346 -4.60 15.98 17.34
C GLN A 346 -5.59 17.12 17.48
N SER A 347 -6.49 17.04 18.46
CA SER A 347 -7.46 18.10 18.72
C SER A 347 -6.98 18.96 19.88
CL1 42J B . 2.90 3.18 9.41
C6 42J B . 4.56 2.70 9.72
C5 42J B . 5.00 2.51 11.01
CL 42J B . 3.94 2.58 12.39
C4 42J B . 6.33 2.19 11.21
C3 42J B . 7.18 2.07 10.13
C7 42J B . 5.41 2.58 8.65
C2 42J B . 6.74 2.24 8.85
C1 42J B . 7.71 2.12 7.69
C 42J B . 8.69 3.25 7.58
N 42J B . 9.59 3.07 6.45
H1 42J B . 6.65 2.05 12.09
H2 42J B . 8.10 1.86 10.28
H3 42J B . 5.10 2.73 7.78
H4 42J B . 7.20 2.06 6.85
H5 42J B . 8.20 1.27 7.78
H6 42J B . 9.22 3.29 8.41
H7 42J B . 8.20 4.09 7.49
H8 42J B . 10.09 2.35 6.56
H9 42J B . 9.12 2.92 5.71
CL CL C . -4.21 -4.71 -13.65
CL CL D . 2.78 -18.12 12.74
C1 EDO E . 9.70 -3.09 15.45
O1 EDO E . 10.30 -3.55 16.66
C2 EDO E . 8.17 -3.11 15.54
O2 EDO E . 7.67 -2.27 16.59
H11 EDO E . 10.02 -3.71 14.61
H12 EDO E . 10.03 -2.06 15.24
HO1 EDO E . 11.26 -3.51 16.58
H21 EDO E . 7.84 -4.14 15.71
H22 EDO E . 7.76 -2.78 14.58
HO2 EDO E . 6.71 -2.39 16.66
C1 EDO F . 5.01 9.92 16.30
O1 EDO F . 6.35 9.68 16.79
C2 EDO F . 4.19 10.56 17.40
O2 EDO F . 4.71 11.86 17.70
H11 EDO F . 4.56 8.98 16.00
H12 EDO F . 5.06 10.58 15.44
HO1 EDO F . 6.86 9.26 16.09
H21 EDO F . 4.22 9.94 18.30
H22 EDO F . 3.15 10.64 17.08
HO2 EDO F . 4.12 12.32 18.31
C1 EDO G . -14.93 -0.39 14.41
O1 EDO G . -14.72 -1.82 14.20
C2 EDO G . -14.00 0.39 13.46
O2 EDO G . -14.55 1.66 13.15
H11 EDO G . -14.71 -0.13 15.44
H12 EDO G . -15.97 -0.12 14.21
HO1 EDO G . -15.54 -2.30 14.40
H21 EDO G . -13.86 -0.18 12.53
H22 EDO G . -13.02 0.51 13.92
HO2 EDO G . -13.90 2.18 12.67
C1 EDO H . 2.34 17.37 -12.55
O1 EDO H . 2.73 17.99 -11.32
C2 EDO H . 3.26 17.85 -13.68
O2 EDO H . 3.24 19.28 -13.73
H11 EDO H . 1.30 17.63 -12.78
H12 EDO H . 2.40 16.29 -12.45
HO1 EDO H . 2.13 17.72 -10.62
H21 EDO H . 2.92 17.42 -14.63
H22 EDO H . 4.27 17.49 -13.49
HO2 EDO H . 3.81 19.57 -14.45
C1 EDO I . 24.05 23.03 -6.89
O1 EDO I . 23.51 21.75 -6.54
C2 EDO I . 24.92 23.03 -8.16
O2 EDO I . 25.88 21.94 -8.25
H11 EDO I . 24.66 23.40 -6.05
H12 EDO I . 23.22 23.73 -7.03
HO1 EDO I . 23.07 21.81 -5.68
H21 EDO I . 25.46 23.97 -8.20
H22 EDO I . 24.25 22.98 -9.02
HO2 EDO I . 26.61 22.21 -8.84
C1 EDO J . 7.94 -6.08 6.77
O1 EDO J . 9.30 -6.18 7.11
C2 EDO J . 7.04 -5.85 7.99
O2 EDO J . 5.73 -5.43 7.72
H11 EDO J . 7.62 -7.00 6.28
H12 EDO J . 7.81 -5.25 6.08
HO1 EDO J . 9.81 -6.35 6.30
H21 EDO J . 7.51 -5.09 8.62
H22 EDO J . 6.99 -6.77 8.57
HO2 EDO J . 5.25 -5.30 8.55
C1 EDO K . 1.60 -19.30 16.79
O1 EDO K . 1.89 -18.21 17.68
C2 EDO K . 0.11 -19.58 16.82
O2 EDO K . -0.38 -19.56 18.17
H11 EDO K . 2.16 -20.20 17.10
H12 EDO K . 1.92 -19.05 15.78
HO1 EDO K . 2.82 -17.97 17.60
H21 EDO K . -0.09 -20.56 16.37
H22 EDO K . -0.41 -18.82 16.23
HO2 EDO K . -1.32 -19.77 18.17
OAA 4B0 L . 7.51 7.41 -5.96
OAA 4B0 L . 12.40 2.44 0.21
BRAB 4B0 L . 12.94 10.24 0.53
BRAB 4B0 L . 10.38 10.74 -2.26
BRAC 4B0 L . 10.64 11.16 -1.61
BRAC 4B0 L . 12.96 10.50 0.20
BRAD 4B0 L . 14.40 7.35 0.17
BRAD 4B0 L . 9.92 8.56 -4.10
BRAE 4B0 L . 9.82 9.38 -4.10
BRAE 4B0 L . 14.76 7.73 0.32
CAF 4B0 L . 8.55 6.43 -6.09
CAF 4B0 L . 12.86 3.27 -0.84
CAG 4B0 L . 9.62 6.97 -5.26
CAG 4B0 L . 14.07 4.06 -0.43
CAH 4B0 L . 10.86 6.13 -5.11
CAH 4B0 L . 14.62 4.93 -1.53
NAI 4B0 L . 13.22 5.86 -2.51
NAI 4B0 L . 11.99 5.97 -3.64
NAJ 4B0 L . 12.58 5.46 -3.57
NAJ 4B0 L . 12.90 5.13 -3.22
CAK 4B0 L . 12.48 9.11 -0.95
CAK 4B0 L . 11.54 9.25 -2.01
CAL 4B0 L . 11.49 9.49 -1.84
CAL 4B0 L . 12.59 9.11 -1.05
CAM 4B0 L . 13.11 7.91 -1.08
CAM 4B0 L . 11.31 8.26 -2.90
CAN 4B0 L . 11.13 8.70 -2.91
CAN 4B0 L . 13.37 7.94 -0.99
CAO 4B0 L . 12.74 7.09 -2.16
CAO 4B0 L . 12.07 7.10 -2.86
CAP 4B0 L . 11.75 7.46 -3.08
CAP 4B0 L . 13.08 6.93 -1.92
NAQ 4B0 L . 11.68 6.42 -3.95
NAQ 4B0 L . 13.58 5.69 -2.19
HOAA 4B0 L . 7.44 7.62 -5.14
HOAA 4B0 L . 12.16 2.93 0.86
HAF 4B0 L . 8.83 6.33 -7.03
HAF 4B0 L . 12.14 3.88 -1.11
HAFA 4B0 L . 8.26 5.55 -5.78
HAFA 4B0 L . 13.08 2.71 -1.62
HAG 4B0 L . 9.25 7.12 -4.35
HAG 4B0 L . 14.77 3.43 -0.12
HAGA 4B0 L . 9.89 7.84 -5.63
HAGA 4B0 L . 13.83 4.63 0.34
HAH 4B0 L . 11.40 6.25 -5.92
HAH 4B0 L . 15.08 4.35 -2.19
HAHA 4B0 L . 10.59 5.18 -5.07
HAHA 4B0 L . 15.29 5.53 -1.15
CL1 42J M . 12.57 5.47 1.04
C6 42J M . 12.95 4.65 -0.42
C5 42J M . 14.11 4.94 -1.12
CL 42J M . 15.23 6.12 -0.55
C4 42J M . 14.39 4.26 -2.30
C3 42J M . 13.50 3.30 -2.74
C7 42J M . 12.08 3.69 -0.88
C2 42J M . 12.34 3.01 -2.06
C1 42J M . 11.39 1.94 -2.56
C 42J M . 10.51 2.36 -3.70
N 42J M . 9.63 1.25 -4.07
H1 42J M . 15.16 4.45 -2.78
H2 42J M . 13.69 2.82 -3.53
H3 42J M . 11.32 3.49 -0.38
H4 42J M . 10.83 1.65 -1.81
H5 42J M . 11.93 1.17 -2.84
H6 42J M . 11.05 2.61 -4.48
H7 42J M . 9.97 3.14 -3.45
H8 42J M . 8.88 1.57 -4.41
H9 42J M . 9.41 0.77 -3.35
NA NA N . -0.76 -19.42 -7.72
NA NA O . 2.03 15.85 0.19
#